data_1TSM
#
_entry.id   1TSM
#
_cell.length_a   78.300
_cell.length_b   78.300
_cell.length_c   243.200
_cell.angle_alpha   90.00
_cell.angle_beta   90.00
_cell.angle_gamma   120.00
#
_symmetry.space_group_name_H-M   'P 61 2 2'
#
loop_
_entity.id
_entity.type
_entity.pdbx_description
1 polymer 'THYMIDYLATE SYNTHASE'
2 non-polymer 'PHOSPHATE ION'
3 non-polymer 3-DIPHENOL-6-NITRO-3H-BENZO[DE]ISOCHROMEN-1-ONE
4 water water
#
_entity_poly.entity_id   1
_entity_poly.type   'polypeptide(L)'
_entity_poly.pdbx_seq_one_letter_code
;MLEQPYLDLAKKVLDEGHFKPDRTHTGTYSIFGHQMRFDLSKGFPLLTTKKVPFGLIKSELLWFLHGDTNIRFLLQHRNH
IWDEWAFEKWVKSDEYHGPDMTDFGHRSQKDPEFAAVYHEEMAKFDDRVLHDDAFAAKYGDLGLVYGSQWRAWHTSKGDT
IDQLGDVIEQIKTHPYSRRLIVSAWNPEDVPTMALPPCHTLYQFYVNDGKLSLQLYQRSADIFLGVPFNIASYALLTHLV
AHECGLEVGEFIHTFGDAHLYVNHLDQIKEQLSRTPRPAPTLQLNPDKHDIFDFDMKDIKLLNYDPYPAIKAPVAV
;
_entity_poly.pdbx_strand_id   A
#
loop_
_chem_comp.id
_chem_comp.type
_chem_comp.name
_chem_comp.formula
MR2 non-polymer 3-DIPHENOL-6-NITRO-3H-BENZO[DE]ISOCHROMEN-1-ONE 'C24 H15 N O6'
PO4 non-polymer 'PHOSPHATE ION' 'O4 P -3'
#
# COMPACT_ATOMS: atom_id res chain seq x y z
N MET A 1 7.10 -6.25 21.71
CA MET A 1 7.61 -6.94 20.49
C MET A 1 7.74 -5.92 19.38
N LEU A 2 8.18 -6.39 18.22
CA LEU A 2 8.41 -5.54 17.05
C LEU A 2 7.26 -4.64 16.58
N GLU A 3 6.03 -5.14 16.64
CA GLU A 3 4.85 -4.41 16.19
C GLU A 3 4.27 -3.45 17.25
N GLN A 4 4.90 -3.42 18.41
CA GLN A 4 4.45 -2.57 19.51
C GLN A 4 4.16 -1.13 19.06
N PRO A 5 5.07 -0.51 18.28
CA PRO A 5 4.84 0.87 17.82
C PRO A 5 3.47 1.11 17.14
N TYR A 6 2.93 0.06 16.51
CA TYR A 6 1.63 0.15 15.85
C TYR A 6 0.56 0.21 16.92
N LEU A 7 0.58 -0.76 17.83
CA LEU A 7 -0.39 -0.86 18.91
C LEU A 7 -0.43 0.38 19.78
N ASP A 8 0.72 0.98 20.01
CA ASP A 8 0.82 2.20 20.80
C ASP A 8 0.14 3.34 20.06
N LEU A 9 0.16 3.29 18.74
CA LEU A 9 -0.46 4.29 17.89
C LEU A 9 -1.97 4.26 18.06
N ALA A 10 -2.57 3.08 18.01
CA ALA A 10 -4.02 2.98 18.18
C ALA A 10 -4.42 3.37 19.59
N LYS A 11 -3.73 2.79 20.58
CA LYS A 11 -4.05 3.08 21.97
C LYS A 11 -4.00 4.61 22.12
N LYS A 12 -3.16 5.25 21.30
CA LYS A 12 -3.00 6.72 21.28
C LYS A 12 -4.13 7.50 20.63
N VAL A 13 -4.47 7.20 19.40
CA VAL A 13 -5.54 7.96 18.77
C VAL A 13 -6.86 7.80 19.49
N LEU A 14 -7.00 6.70 20.22
CA LEU A 14 -8.20 6.49 21.00
C LEU A 14 -8.12 7.49 22.15
N ASP A 15 -7.06 7.42 22.93
CA ASP A 15 -6.84 8.28 24.08
C ASP A 15 -6.79 9.79 23.80
N GLU A 16 -6.05 10.17 22.78
CA GLU A 16 -5.88 11.57 22.43
C GLU A 16 -6.54 12.08 21.16
N GLY A 17 -7.04 11.19 20.32
CA GLY A 17 -7.65 11.58 19.07
C GLY A 17 -8.77 12.60 19.11
N HIS A 18 -8.63 13.68 18.35
CA HIS A 18 -9.70 14.66 18.29
C HIS A 18 -10.69 14.11 17.30
N PHE A 19 -11.98 14.22 17.60
CA PHE A 19 -12.97 13.71 16.67
C PHE A 19 -12.94 14.60 15.43
N LYS A 20 -12.88 13.96 14.27
CA LYS A 20 -12.82 14.72 13.03
C LYS A 20 -13.66 14.13 11.89
N PRO A 21 -14.85 14.70 11.65
CA PRO A 21 -15.71 14.21 10.57
C PRO A 21 -14.92 14.44 9.28
N ASP A 22 -15.24 13.73 8.20
CA ASP A 22 -14.46 13.86 6.97
C ASP A 22 -15.17 13.72 5.62
N ARG A 23 -14.38 13.32 4.62
CA ARG A 23 -14.79 13.11 3.23
C ARG A 23 -15.98 12.17 3.11
N THR A 24 -15.96 11.10 3.89
CA THR A 24 -17.02 10.10 3.88
C THR A 24 -17.96 10.35 5.04
N HIS A 25 -19.07 9.61 5.01
CA HIS A 25 -20.03 9.78 6.07
C HIS A 25 -19.56 9.13 7.35
N THR A 26 -18.67 8.14 7.25
CA THR A 26 -18.13 7.49 8.44
C THR A 26 -17.12 8.50 9.01
N GLY A 27 -17.34 8.90 10.26
CA GLY A 27 -16.46 9.86 10.92
C GLY A 27 -15.20 9.23 11.48
N THR A 28 -14.25 10.04 11.92
CA THR A 28 -13.01 9.52 12.48
C THR A 28 -12.53 10.26 13.73
N TYR A 29 -11.39 9.80 14.21
CA TYR A 29 -10.65 10.35 15.34
C TYR A 29 -9.30 10.46 14.67
N SER A 30 -8.67 11.62 14.70
CA SER A 30 -7.38 11.74 14.05
C SER A 30 -6.36 12.57 14.79
N ILE A 31 -5.10 12.30 14.50
CA ILE A 31 -3.99 13.01 15.10
C ILE A 31 -3.08 13.45 13.95
N PHE A 32 -2.28 14.48 14.20
CA PHE A 32 -1.37 15.01 13.20
C PHE A 32 0.03 14.97 13.75
N GLY A 33 0.91 14.23 13.08
CA GLY A 33 2.29 14.15 13.54
C GLY A 33 2.63 12.93 14.36
N HIS A 34 3.03 11.84 13.72
CA HIS A 34 3.42 10.65 14.45
C HIS A 34 4.55 10.00 13.68
N GLN A 35 5.42 9.30 14.40
CA GLN A 35 6.56 8.62 13.78
C GLN A 35 6.70 7.26 14.46
N MET A 36 7.01 6.23 13.66
CA MET A 36 7.19 4.89 14.18
C MET A 36 8.58 4.43 13.74
N ARG A 37 9.18 3.57 14.52
CA ARG A 37 10.51 3.07 14.21
C ARG A 37 10.47 1.56 14.38
N PHE A 38 10.93 0.87 13.34
CA PHE A 38 10.95 -0.59 13.34
C PHE A 38 12.36 -1.05 12.97
N ASP A 39 12.98 -1.83 13.85
CA ASP A 39 14.33 -2.32 13.60
C ASP A 39 14.16 -3.61 12.82
N LEU A 40 14.34 -3.52 11.51
CA LEU A 40 14.21 -4.66 10.61
C LEU A 40 15.11 -5.87 10.88
N SER A 41 16.06 -5.73 11.80
CA SER A 41 16.95 -6.85 12.14
C SER A 41 16.33 -7.71 13.26
N LYS A 42 15.14 -7.35 13.71
CA LYS A 42 14.47 -8.13 14.74
C LYS A 42 13.26 -8.84 14.11
N GLY A 43 13.18 -8.80 12.78
CA GLY A 43 12.09 -9.43 12.07
C GLY A 43 11.24 -8.47 11.25
N PHE A 44 10.68 -9.00 10.17
CA PHE A 44 9.81 -8.26 9.26
C PHE A 44 8.54 -7.89 10.00
N PRO A 45 8.26 -6.57 10.16
CA PRO A 45 7.08 -6.03 10.87
C PRO A 45 5.68 -6.35 10.34
N LEU A 46 5.34 -7.63 10.31
CA LEU A 46 4.01 -8.05 9.89
C LEU A 46 3.28 -8.41 11.20
N LEU A 47 2.10 -7.86 11.38
CA LEU A 47 1.31 -8.07 12.58
C LEU A 47 0.96 -9.51 12.90
N THR A 48 1.17 -9.89 14.15
CA THR A 48 0.82 -11.22 14.63
C THR A 48 -0.50 -11.11 15.41
N THR A 49 -0.78 -9.93 15.94
CA THR A 49 -2.01 -9.66 16.70
C THR A 49 -3.24 -9.55 15.81
N LYS A 50 -3.11 -9.99 14.55
CA LYS A 50 -4.17 -9.93 13.57
C LYS A 50 -3.52 -10.44 12.30
N LYS A 51 -4.24 -11.31 11.59
CA LYS A 51 -3.76 -11.93 10.37
C LYS A 51 -3.78 -11.06 9.12
N VAL A 52 -2.66 -10.42 8.79
CA VAL A 52 -2.56 -9.59 7.59
C VAL A 52 -2.07 -10.47 6.42
N PRO A 53 -2.85 -10.56 5.32
CA PRO A 53 -2.46 -11.37 4.17
C PRO A 53 -1.22 -10.85 3.45
N PHE A 54 -0.05 -11.40 3.78
CA PHE A 54 1.21 -11.01 3.17
C PHE A 54 1.17 -11.10 1.64
N GLY A 55 0.60 -12.19 1.14
CA GLY A 55 0.50 -12.42 -0.30
C GLY A 55 0.10 -11.20 -1.11
N LEU A 56 -0.92 -10.49 -0.64
CA LEU A 56 -1.40 -9.30 -1.34
C LEU A 56 -0.39 -8.16 -1.35
N ILE A 57 0.45 -8.07 -0.32
CA ILE A 57 1.48 -7.00 -0.25
C ILE A 57 2.53 -7.21 -1.33
N LYS A 58 2.87 -8.47 -1.57
CA LYS A 58 3.85 -8.87 -2.58
C LYS A 58 3.32 -8.51 -3.94
N SER A 59 2.19 -9.13 -4.28
CA SER A 59 1.51 -8.93 -5.55
C SER A 59 1.38 -7.44 -5.94
N GLU A 60 1.13 -6.59 -4.95
CA GLU A 60 1.01 -5.17 -5.20
C GLU A 60 2.39 -4.52 -5.40
N LEU A 61 3.32 -4.77 -4.48
CA LEU A 61 4.66 -4.18 -4.53
C LEU A 61 5.46 -4.53 -5.79
N LEU A 62 5.39 -5.78 -6.23
CA LEU A 62 6.12 -6.18 -7.42
C LEU A 62 5.49 -5.48 -8.61
N TRP A 63 4.19 -5.21 -8.53
CA TRP A 63 3.42 -4.52 -9.56
C TRP A 63 4.06 -3.13 -9.70
N PHE A 64 4.31 -2.51 -8.55
CA PHE A 64 4.94 -1.20 -8.44
C PHE A 64 6.33 -1.20 -9.09
N LEU A 65 7.19 -2.12 -8.66
CA LEU A 65 8.55 -2.31 -9.18
C LEU A 65 8.59 -2.52 -10.67
N HIS A 66 7.54 -3.14 -11.19
CA HIS A 66 7.42 -3.39 -12.61
C HIS A 66 7.02 -2.19 -13.43
N GLY A 67 6.73 -1.07 -12.75
CA GLY A 67 6.31 0.15 -13.43
C GLY A 67 4.90 -0.02 -14.01
N ASP A 68 4.26 -1.10 -13.57
CA ASP A 68 2.93 -1.50 -14.00
C ASP A 68 1.87 -0.58 -13.41
N THR A 69 0.84 -0.34 -14.20
CA THR A 69 -0.30 0.50 -13.82
C THR A 69 -1.57 -0.18 -14.33
N ASN A 70 -1.42 -1.40 -14.83
CA ASN A 70 -2.56 -2.13 -15.33
C ASN A 70 -2.99 -3.20 -14.37
N ILE A 71 -4.22 -3.06 -13.89
CA ILE A 71 -4.82 -3.96 -12.93
C ILE A 71 -4.74 -5.45 -13.26
N ARG A 72 -4.67 -5.80 -14.53
CA ARG A 72 -4.62 -7.19 -14.94
C ARG A 72 -3.61 -8.02 -14.16
N PHE A 73 -2.43 -7.43 -13.91
CA PHE A 73 -1.39 -8.14 -13.18
C PHE A 73 -1.94 -8.59 -11.84
N LEU A 74 -2.68 -7.71 -11.18
CA LEU A 74 -3.26 -7.99 -9.88
C LEU A 74 -4.35 -9.06 -9.93
N LEU A 75 -5.30 -8.88 -10.84
CA LEU A 75 -6.40 -9.83 -11.01
C LEU A 75 -5.86 -11.22 -11.34
N GLN A 76 -4.73 -11.23 -12.02
CA GLN A 76 -4.02 -12.44 -12.45
C GLN A 76 -3.19 -13.03 -11.28
N HIS A 77 -3.43 -12.52 -10.08
CA HIS A 77 -2.75 -12.96 -8.88
C HIS A 77 -3.76 -13.00 -7.73
N ARG A 78 -5.04 -12.81 -8.06
CA ARG A 78 -6.14 -12.80 -7.09
C ARG A 78 -6.19 -11.53 -6.24
N ASN A 79 -5.35 -10.56 -6.57
CA ASN A 79 -5.30 -9.28 -5.86
C ASN A 79 -6.41 -8.42 -6.44
N HIS A 80 -7.25 -7.87 -5.58
CA HIS A 80 -8.37 -7.03 -6.02
C HIS A 80 -8.40 -5.65 -5.34
N ILE A 81 -7.23 -5.19 -4.88
CA ILE A 81 -7.11 -3.94 -4.16
C ILE A 81 -7.38 -2.65 -4.97
N TRP A 82 -7.16 -2.70 -6.28
CA TRP A 82 -7.39 -1.49 -7.09
C TRP A 82 -8.58 -1.53 -8.05
N ASP A 83 -9.33 -2.62 -8.03
CA ASP A 83 -10.50 -2.78 -8.89
C ASP A 83 -11.40 -1.57 -9.02
N GLU A 84 -11.86 -1.08 -7.87
CA GLU A 84 -12.78 0.04 -7.79
C GLU A 84 -12.34 1.29 -8.56
N TRP A 85 -11.04 1.56 -8.58
CA TRP A 85 -10.48 2.72 -9.26
C TRP A 85 -10.75 2.62 -10.78
N ALA A 86 -10.58 1.42 -11.33
CA ALA A 86 -10.82 1.20 -12.75
C ALA A 86 -12.28 0.96 -13.08
N PHE A 87 -12.92 0.01 -12.39
CA PHE A 87 -14.34 -0.30 -12.58
C PHE A 87 -15.17 0.98 -12.58
N GLU A 88 -14.77 1.94 -11.75
CA GLU A 88 -15.45 3.22 -11.64
C GLU A 88 -15.53 3.88 -13.00
N LYS A 89 -14.39 3.99 -13.67
CA LYS A 89 -14.36 4.62 -14.97
C LYS A 89 -15.08 3.80 -16.03
N TRP A 90 -15.20 2.50 -15.80
CA TRP A 90 -15.90 1.58 -16.70
C TRP A 90 -17.41 1.83 -16.61
N VAL A 91 -17.95 1.98 -15.40
CA VAL A 91 -19.38 2.24 -15.22
C VAL A 91 -19.74 3.63 -15.76
N LYS A 92 -18.74 4.48 -15.94
CA LYS A 92 -18.95 5.83 -16.44
C LYS A 92 -18.97 5.90 -17.97
N SER A 93 -18.25 4.99 -18.62
CA SER A 93 -18.15 5.02 -20.06
C SER A 93 -19.36 4.71 -20.92
N ASP A 94 -19.47 5.45 -22.02
CA ASP A 94 -20.52 5.31 -23.02
C ASP A 94 -20.12 4.12 -23.89
N GLU A 95 -20.15 2.97 -23.24
CA GLU A 95 -19.79 1.66 -23.81
C GLU A 95 -20.43 0.72 -22.79
N TYR A 96 -20.36 1.14 -21.52
CA TYR A 96 -20.95 0.42 -20.40
C TYR A 96 -22.45 0.52 -20.54
N HIS A 97 -23.10 -0.63 -20.57
CA HIS A 97 -24.55 -0.66 -20.70
C HIS A 97 -25.12 -1.65 -19.71
N GLY A 98 -25.35 -1.14 -18.51
CA GLY A 98 -25.92 -1.91 -17.42
C GLY A 98 -26.42 -0.99 -16.33
N PRO A 99 -26.68 -1.50 -15.11
CA PRO A 99 -27.18 -0.74 -13.96
C PRO A 99 -26.47 0.59 -13.63
N ASP A 100 -27.03 1.32 -12.66
CA ASP A 100 -26.57 2.65 -12.25
C ASP A 100 -25.18 2.82 -11.61
N MET A 101 -24.84 1.96 -10.66
CA MET A 101 -23.55 2.00 -9.98
C MET A 101 -23.03 3.39 -9.54
N THR A 102 -23.93 4.33 -9.26
CA THR A 102 -23.56 5.68 -8.83
C THR A 102 -22.93 5.58 -7.44
N ASP A 103 -21.70 6.09 -7.31
CA ASP A 103 -20.90 6.01 -6.07
C ASP A 103 -21.11 4.71 -5.26
N PHE A 104 -21.30 3.66 -6.05
CA PHE A 104 -21.56 2.29 -5.65
C PHE A 104 -21.07 1.71 -4.33
N GLY A 105 -19.79 1.90 -4.01
CA GLY A 105 -19.24 1.36 -2.79
C GLY A 105 -20.09 1.60 -1.56
N HIS A 106 -20.79 2.71 -1.56
CA HIS A 106 -21.66 3.09 -0.46
C HIS A 106 -22.98 2.32 -0.44
N ARG A 107 -23.59 2.11 -1.60
CA ARG A 107 -24.85 1.38 -1.74
C ARG A 107 -24.58 -0.09 -1.37
N SER A 108 -23.39 -0.58 -1.69
CA SER A 108 -23.02 -1.95 -1.40
C SER A 108 -22.86 -2.15 0.11
N GLN A 109 -22.79 -1.05 0.87
CA GLN A 109 -22.68 -1.17 2.31
C GLN A 109 -24.06 -1.05 2.96
N LYS A 110 -24.95 -0.28 2.32
CA LYS A 110 -26.33 -0.13 2.78
C LYS A 110 -27.12 -1.08 1.85
N ASP A 111 -26.33 -1.98 1.30
CA ASP A 111 -26.68 -3.01 0.33
C ASP A 111 -28.00 -3.71 0.15
N PRO A 112 -28.75 -3.29 -0.87
CA PRO A 112 -30.01 -3.98 -1.12
C PRO A 112 -29.44 -5.17 -1.96
N GLU A 113 -30.23 -5.96 -2.66
CA GLU A 113 -29.60 -7.05 -3.42
C GLU A 113 -28.65 -6.49 -4.49
N PHE A 114 -28.55 -5.16 -4.51
CA PHE A 114 -27.70 -4.36 -5.41
C PHE A 114 -26.22 -4.66 -5.17
N ALA A 115 -25.89 -5.25 -4.02
CA ALA A 115 -24.49 -5.62 -3.73
C ALA A 115 -24.10 -6.67 -4.77
N ALA A 116 -25.00 -7.61 -5.04
CA ALA A 116 -24.77 -8.65 -6.03
C ALA A 116 -24.84 -8.04 -7.43
N VAL A 117 -25.48 -6.89 -7.55
CA VAL A 117 -25.57 -6.22 -8.85
C VAL A 117 -24.15 -5.76 -9.13
N TYR A 118 -23.58 -5.12 -8.11
CA TYR A 118 -22.24 -4.60 -8.12
C TYR A 118 -21.26 -5.74 -8.42
N HIS A 119 -21.14 -6.68 -7.50
CA HIS A 119 -20.23 -7.82 -7.67
C HIS A 119 -20.48 -8.61 -8.94
N GLU A 120 -21.62 -8.36 -9.56
CA GLU A 120 -22.00 -9.02 -10.81
C GLU A 120 -21.25 -8.28 -11.93
N GLU A 121 -21.48 -6.98 -12.01
CA GLU A 121 -20.84 -6.14 -13.03
C GLU A 121 -19.33 -6.14 -12.85
N MET A 122 -18.89 -6.36 -11.61
CA MET A 122 -17.47 -6.41 -11.26
C MET A 122 -16.86 -7.69 -11.84
N ALA A 123 -17.60 -8.79 -11.73
CA ALA A 123 -17.16 -10.09 -12.22
C ALA A 123 -16.91 -10.07 -13.72
N LYS A 124 -17.72 -9.31 -14.44
CA LYS A 124 -17.59 -9.19 -15.89
C LYS A 124 -16.43 -8.24 -16.24
N PHE A 125 -16.34 -7.12 -15.51
CA PHE A 125 -15.28 -6.14 -15.71
C PHE A 125 -13.91 -6.84 -15.52
N ASP A 126 -13.83 -7.69 -14.51
CA ASP A 126 -12.61 -8.43 -14.18
C ASP A 126 -12.26 -9.46 -15.25
N ASP A 127 -13.24 -10.22 -15.70
CA ASP A 127 -12.99 -11.24 -16.72
C ASP A 127 -12.56 -10.61 -18.04
N ARG A 128 -13.16 -9.46 -18.35
CA ARG A 128 -12.88 -8.72 -19.57
C ARG A 128 -11.53 -7.99 -19.55
N VAL A 129 -10.94 -7.86 -18.37
CA VAL A 129 -9.63 -7.22 -18.23
C VAL A 129 -8.62 -8.33 -18.44
N LEU A 130 -8.92 -9.51 -17.92
CA LEU A 130 -8.02 -10.64 -18.08
C LEU A 130 -7.94 -11.08 -19.54
N HIS A 131 -9.07 -11.55 -20.07
CA HIS A 131 -9.12 -12.11 -21.42
C HIS A 131 -9.18 -11.18 -22.65
N ASP A 132 -9.73 -9.97 -22.53
CA ASP A 132 -9.81 -9.06 -23.66
C ASP A 132 -8.75 -7.96 -23.55
N ASP A 133 -7.61 -8.18 -24.21
CA ASP A 133 -6.49 -7.24 -24.23
C ASP A 133 -6.88 -5.79 -24.43
N ALA A 134 -7.66 -5.51 -25.49
CA ALA A 134 -8.09 -4.16 -25.79
C ALA A 134 -8.83 -3.50 -24.62
N PHE A 135 -9.65 -4.28 -23.93
CA PHE A 135 -10.41 -3.79 -22.79
C PHE A 135 -9.47 -3.55 -21.61
N ALA A 136 -8.51 -4.45 -21.44
CA ALA A 136 -7.52 -4.37 -20.37
C ALA A 136 -6.67 -3.09 -20.47
N ALA A 137 -6.20 -2.76 -21.67
CA ALA A 137 -5.39 -1.57 -21.91
C ALA A 137 -6.19 -0.28 -21.80
N LYS A 138 -7.49 -0.35 -22.06
CA LYS A 138 -8.37 0.82 -22.02
C LYS A 138 -8.90 1.13 -20.62
N TYR A 139 -9.44 0.12 -19.96
CA TYR A 139 -10.01 0.33 -18.64
C TYR A 139 -9.26 -0.28 -17.48
N GLY A 140 -8.21 -1.04 -17.76
CA GLY A 140 -7.43 -1.66 -16.68
C GLY A 140 -6.30 -0.79 -16.19
N ASP A 141 -5.75 -0.04 -17.14
CA ASP A 141 -4.63 0.88 -16.91
C ASP A 141 -5.11 2.13 -16.18
N LEU A 142 -4.55 2.35 -14.99
CA LEU A 142 -4.91 3.51 -14.19
C LEU A 142 -4.16 4.79 -14.57
N GLY A 143 -3.02 4.64 -15.24
CA GLY A 143 -2.25 5.81 -15.65
C GLY A 143 -1.42 6.39 -14.52
N LEU A 144 -2.07 7.18 -13.66
CA LEU A 144 -1.39 7.80 -12.54
C LEU A 144 -1.52 6.93 -11.31
N VAL A 145 -0.45 6.20 -11.01
CA VAL A 145 -0.38 5.28 -9.89
C VAL A 145 1.10 4.94 -9.59
N TYR A 146 1.40 4.66 -8.33
CA TYR A 146 2.75 4.36 -7.84
C TYR A 146 3.75 3.79 -8.85
N GLY A 147 3.37 2.72 -9.55
CA GLY A 147 4.26 2.10 -10.53
C GLY A 147 4.84 3.06 -11.54
N SER A 148 4.00 3.98 -12.02
CA SER A 148 4.42 4.99 -13.00
C SER A 148 5.03 6.21 -12.32
N GLN A 149 4.45 6.70 -11.23
CA GLN A 149 5.05 7.85 -10.59
C GLN A 149 6.41 7.53 -9.98
N TRP A 150 6.64 6.26 -9.66
CA TRP A 150 7.92 5.83 -9.11
C TRP A 150 8.92 5.65 -10.25
N ARG A 151 8.49 4.84 -11.21
CA ARG A 151 9.29 4.43 -12.36
C ARG A 151 8.92 4.98 -13.74
N ALA A 152 8.23 6.12 -13.81
CA ALA A 152 7.85 6.71 -15.11
C ALA A 152 7.18 8.08 -15.00
N TRP A 153 7.90 9.00 -14.35
CA TRP A 153 7.45 10.35 -14.13
C TRP A 153 7.63 11.07 -15.46
N HIS A 154 6.72 11.96 -15.83
CA HIS A 154 6.89 12.68 -17.10
C HIS A 154 7.35 14.09 -16.88
N THR A 155 8.35 14.48 -17.65
CA THR A 155 8.93 15.81 -17.60
C THR A 155 8.04 16.76 -18.38
N SER A 156 8.45 18.02 -18.45
CA SER A 156 7.77 19.07 -19.16
C SER A 156 8.04 18.78 -20.64
N LYS A 157 9.31 18.57 -20.98
CA LYS A 157 9.64 18.25 -22.36
C LYS A 157 9.58 16.73 -22.53
N GLY A 158 8.41 16.28 -22.95
CA GLY A 158 8.10 14.90 -23.24
C GLY A 158 8.69 13.58 -22.78
N ASP A 159 9.59 13.52 -21.80
CA ASP A 159 10.09 12.20 -21.43
C ASP A 159 9.63 11.51 -20.10
N THR A 160 10.43 10.55 -19.59
CA THR A 160 10.04 9.77 -18.41
C THR A 160 11.14 9.35 -17.40
N ILE A 161 11.06 9.88 -16.19
CA ILE A 161 12.04 9.60 -15.14
C ILE A 161 11.79 8.31 -14.35
N ASP A 162 12.78 7.43 -14.33
CA ASP A 162 12.71 6.18 -13.59
C ASP A 162 13.33 6.52 -12.23
N GLN A 163 12.60 7.29 -11.43
CA GLN A 163 13.04 7.74 -10.09
C GLN A 163 13.72 6.69 -9.24
N LEU A 164 13.01 5.58 -9.01
CA LEU A 164 13.51 4.47 -8.22
C LEU A 164 14.81 3.87 -8.79
N GLY A 165 14.78 3.51 -10.07
CA GLY A 165 15.97 2.94 -10.70
C GLY A 165 17.18 3.82 -10.52
N ASP A 166 16.98 5.13 -10.68
CA ASP A 166 18.03 6.13 -10.54
C ASP A 166 18.57 6.19 -9.10
N VAL A 167 17.67 6.39 -8.15
CA VAL A 167 18.03 6.48 -6.73
C VAL A 167 18.76 5.22 -6.27
N ILE A 168 18.42 4.08 -6.85
CA ILE A 168 19.08 2.83 -6.49
C ILE A 168 20.55 2.86 -6.90
N GLU A 169 20.82 3.42 -8.07
CA GLU A 169 22.19 3.57 -8.58
C GLU A 169 22.91 4.54 -7.65
N GLN A 170 22.19 5.56 -7.19
CA GLN A 170 22.73 6.56 -6.27
C GLN A 170 23.15 5.92 -4.97
N ILE A 171 22.31 5.03 -4.46
CA ILE A 171 22.62 4.31 -3.23
C ILE A 171 23.95 3.57 -3.44
N LYS A 172 24.07 2.94 -4.59
CA LYS A 172 25.25 2.15 -4.92
C LYS A 172 26.56 2.92 -5.12
N THR A 173 26.51 4.07 -5.77
CA THR A 173 27.69 4.89 -6.06
C THR A 173 27.78 6.17 -5.22
N HIS A 174 26.79 6.41 -4.38
CA HIS A 174 26.76 7.57 -3.51
C HIS A 174 25.79 7.26 -2.38
N PRO A 175 26.07 6.19 -1.59
CA PRO A 175 25.26 5.73 -0.47
C PRO A 175 24.98 6.74 0.65
N TYR A 176 25.89 7.72 0.83
CA TYR A 176 25.75 8.74 1.88
C TYR A 176 25.04 10.01 1.48
N SER A 177 24.71 10.09 0.20
CA SER A 177 24.02 11.23 -0.31
C SER A 177 22.75 11.38 0.53
N ARG A 178 22.41 12.60 0.89
CA ARG A 178 21.25 12.90 1.70
C ARG A 178 20.07 13.23 0.80
N ARG A 179 20.13 12.83 -0.46
CA ARG A 179 19.11 13.11 -1.47
C ARG A 179 18.39 11.88 -2.01
N LEU A 180 18.66 10.72 -1.41
CA LEU A 180 18.02 9.49 -1.86
C LEU A 180 16.53 9.57 -1.53
N ILE A 181 15.81 10.23 -2.43
CA ILE A 181 14.39 10.47 -2.28
C ILE A 181 13.60 10.21 -3.57
N VAL A 182 12.40 9.70 -3.38
CA VAL A 182 11.47 9.43 -4.47
C VAL A 182 10.14 10.00 -4.00
N SER A 183 9.42 10.62 -4.91
CA SER A 183 8.16 11.24 -4.58
C SER A 183 7.04 10.73 -5.49
N ALA A 184 5.83 10.69 -4.97
CA ALA A 184 4.66 10.26 -5.74
C ALA A 184 3.73 11.48 -5.87
N TRP A 185 4.13 12.58 -5.26
CA TRP A 185 3.36 13.82 -5.28
C TRP A 185 3.76 14.74 -6.42
N ASN A 186 2.80 15.00 -7.31
CA ASN A 186 3.00 15.89 -8.46
C ASN A 186 1.88 16.95 -8.43
N PRO A 187 2.24 18.19 -8.14
CA PRO A 187 1.30 19.31 -8.05
C PRO A 187 0.37 19.48 -9.25
N GLU A 188 0.83 19.10 -10.43
CA GLU A 188 0.04 19.25 -11.66
C GLU A 188 -1.12 18.23 -11.82
N ASP A 189 -0.91 17.01 -11.33
CA ASP A 189 -1.92 15.95 -11.42
C ASP A 189 -2.85 15.87 -10.21
N VAL A 190 -2.34 16.30 -9.06
CA VAL A 190 -3.08 16.27 -7.80
C VAL A 190 -4.42 17.01 -7.76
N PRO A 191 -4.55 18.16 -8.45
CA PRO A 191 -5.84 18.88 -8.40
C PRO A 191 -7.05 18.17 -9.02
N THR A 192 -6.82 17.08 -9.76
CA THR A 192 -7.94 16.37 -10.38
C THR A 192 -8.01 14.86 -10.11
N MET A 193 -6.93 14.32 -9.52
CA MET A 193 -6.83 12.89 -9.20
C MET A 193 -7.96 12.37 -8.34
N ALA A 194 -8.18 11.06 -8.39
CA ALA A 194 -9.19 10.39 -7.58
C ALA A 194 -8.51 10.26 -6.21
N LEU A 195 -7.55 9.35 -6.10
CA LEU A 195 -6.83 9.21 -4.85
C LEU A 195 -5.38 9.68 -4.98
N PRO A 196 -5.12 10.94 -4.62
CA PRO A 196 -3.75 11.44 -4.71
C PRO A 196 -2.99 10.56 -3.71
N PRO A 197 -1.72 10.27 -4.00
CA PRO A 197 -0.89 9.46 -3.13
C PRO A 197 -0.90 9.75 -1.61
N CYS A 198 -1.16 8.70 -0.84
CA CYS A 198 -1.17 8.72 0.62
C CYS A 198 0.30 8.61 1.03
N HIS A 199 0.98 7.62 0.43
CA HIS A 199 2.40 7.39 0.65
C HIS A 199 3.09 8.39 -0.27
N THR A 200 3.04 9.64 0.17
CA THR A 200 3.54 10.83 -0.49
C THR A 200 4.98 10.93 -0.96
N LEU A 201 5.91 10.49 -0.11
CA LEU A 201 7.33 10.63 -0.41
C LEU A 201 8.20 9.82 0.56
N TYR A 202 9.24 9.18 0.05
CA TYR A 202 10.14 8.40 0.88
C TYR A 202 11.62 8.65 0.62
N GLN A 203 12.42 8.40 1.66
CA GLN A 203 13.86 8.62 1.65
C GLN A 203 14.69 7.44 2.19
N PHE A 204 15.82 7.17 1.54
CA PHE A 204 16.71 6.10 1.97
C PHE A 204 17.84 6.67 2.80
N TYR A 205 18.60 5.81 3.45
CA TYR A 205 19.72 6.23 4.28
C TYR A 205 20.64 5.04 4.48
N VAL A 206 21.94 5.28 4.36
CA VAL A 206 22.96 4.26 4.53
C VAL A 206 23.95 4.71 5.60
N ASN A 207 24.18 3.84 6.58
CA ASN A 207 25.12 4.11 7.65
C ASN A 207 25.62 2.79 8.20
N ASP A 208 26.94 2.65 8.26
CA ASP A 208 27.56 1.42 8.76
C ASP A 208 26.98 0.21 8.02
N GLY A 209 26.87 0.33 6.71
CA GLY A 209 26.34 -0.76 5.89
C GLY A 209 24.85 -1.08 5.93
N LYS A 210 24.11 -0.48 6.85
CA LYS A 210 22.68 -0.74 6.98
C LYS A 210 21.77 0.29 6.28
N LEU A 211 20.76 -0.23 5.56
CA LEU A 211 19.81 0.58 4.84
C LEU A 211 18.59 0.88 5.71
N SER A 212 18.14 2.12 5.65
CA SER A 212 16.99 2.58 6.40
C SER A 212 16.13 3.41 5.46
N LEU A 213 14.82 3.38 5.69
CA LEU A 213 13.87 4.09 4.84
C LEU A 213 12.79 4.79 5.68
N GLN A 214 12.55 6.07 5.39
CA GLN A 214 11.52 6.85 6.09
C GLN A 214 10.40 7.10 5.09
N LEU A 215 9.16 6.96 5.54
CA LEU A 215 8.03 7.16 4.66
C LEU A 215 7.07 8.19 5.22
N TYR A 216 6.82 9.22 4.42
CA TYR A 216 5.88 10.26 4.78
C TYR A 216 4.53 9.92 4.19
N GLN A 217 3.59 9.60 5.07
CA GLN A 217 2.23 9.23 4.70
C GLN A 217 1.32 10.30 5.26
N ARG A 218 0.80 11.15 4.39
CA ARG A 218 -0.10 12.24 4.76
C ARG A 218 -1.43 11.76 5.31
N SER A 219 -1.78 10.51 5.00
CA SER A 219 -3.03 9.93 5.42
C SER A 219 -2.87 8.47 5.78
N ALA A 220 -3.43 8.10 6.92
CA ALA A 220 -3.36 6.71 7.33
C ALA A 220 -4.65 6.29 7.92
N ASP A 221 -4.86 5.00 7.81
CA ASP A 221 -6.07 4.37 8.31
C ASP A 221 -5.60 3.25 9.23
N ILE A 222 -5.45 3.63 10.49
CA ILE A 222 -4.98 2.75 11.55
C ILE A 222 -5.45 1.31 11.61
N PHE A 223 -6.75 1.05 11.49
CA PHE A 223 -7.16 -0.35 11.57
C PHE A 223 -6.88 -1.18 10.31
N LEU A 224 -7.48 -0.77 9.20
CA LEU A 224 -7.34 -1.52 7.95
C LEU A 224 -6.04 -1.26 7.16
N GLY A 225 -5.78 0.01 6.84
CA GLY A 225 -4.61 0.37 6.05
C GLY A 225 -3.19 0.23 6.57
N VAL A 226 -2.90 0.84 7.71
CA VAL A 226 -1.58 0.83 8.33
C VAL A 226 -0.88 -0.54 8.38
N PRO A 227 -1.57 -1.61 8.83
CA PRO A 227 -0.88 -2.91 8.88
C PRO A 227 -0.25 -3.31 7.53
N PHE A 228 -0.91 -3.01 6.44
CA PHE A 228 -0.40 -3.31 5.09
C PHE A 228 0.79 -2.40 4.81
N ASN A 229 0.55 -1.08 4.93
CA ASN A 229 1.51 -0.01 4.69
C ASN A 229 2.88 -0.28 5.27
N ILE A 230 2.90 -0.63 6.55
CA ILE A 230 4.13 -0.95 7.24
C ILE A 230 4.82 -2.05 6.43
N ALA A 231 4.06 -3.09 6.08
CA ALA A 231 4.57 -4.26 5.34
C ALA A 231 5.18 -4.01 3.96
N SER A 232 4.51 -3.24 3.12
CA SER A 232 5.02 -2.94 1.77
C SER A 232 6.39 -2.31 1.89
N TYR A 233 6.53 -1.38 2.83
CA TYR A 233 7.76 -0.65 3.07
C TYR A 233 8.88 -1.38 3.77
N ALA A 234 8.53 -2.27 4.68
CA ALA A 234 9.55 -3.07 5.35
C ALA A 234 10.13 -3.95 4.24
N LEU A 235 9.23 -4.42 3.38
CA LEU A 235 9.56 -5.25 2.23
C LEU A 235 10.39 -4.50 1.20
N LEU A 236 9.94 -3.29 0.83
CA LEU A 236 10.67 -2.46 -0.15
C LEU A 236 12.08 -2.15 0.32
N THR A 237 12.28 -2.05 1.64
CA THR A 237 13.60 -1.77 2.18
C THR A 237 14.53 -2.96 1.98
N HIS A 238 14.01 -4.16 2.24
CA HIS A 238 14.79 -5.39 2.06
C HIS A 238 15.23 -5.59 0.63
N LEU A 239 14.30 -5.37 -0.30
CA LEU A 239 14.57 -5.52 -1.72
C LEU A 239 15.69 -4.57 -2.13
N VAL A 240 15.51 -3.30 -1.83
CA VAL A 240 16.49 -2.28 -2.13
C VAL A 240 17.87 -2.71 -1.62
N ALA A 241 17.90 -3.23 -0.39
CA ALA A 241 19.13 -3.70 0.27
C ALA A 241 19.74 -4.93 -0.40
N HIS A 242 18.89 -5.91 -0.71
CA HIS A 242 19.28 -7.16 -1.36
C HIS A 242 20.10 -6.86 -2.60
N GLU A 243 19.60 -5.90 -3.37
CA GLU A 243 20.20 -5.43 -4.63
C GLU A 243 21.52 -4.71 -4.36
N CYS A 244 21.47 -3.71 -3.48
CA CYS A 244 22.65 -2.91 -3.11
C CYS A 244 23.68 -3.66 -2.26
N GLY A 245 23.42 -4.93 -1.93
CA GLY A 245 24.34 -5.71 -1.12
C GLY A 245 24.53 -5.19 0.29
N LEU A 246 23.55 -4.45 0.77
CA LEU A 246 23.55 -3.83 2.08
C LEU A 246 22.75 -4.63 3.10
N GLU A 247 23.07 -4.46 4.37
CA GLU A 247 22.34 -5.13 5.44
C GLU A 247 21.10 -4.27 5.64
N VAL A 248 20.14 -4.77 6.41
CA VAL A 248 18.93 -4.00 6.64
C VAL A 248 18.91 -3.35 8.04
N GLY A 249 18.44 -2.11 8.11
CA GLY A 249 18.38 -1.39 9.37
C GLY A 249 16.99 -1.09 9.92
N GLU A 250 16.51 0.12 9.69
CA GLU A 250 15.21 0.52 10.20
C GLU A 250 14.23 1.05 9.16
N PHE A 251 12.96 1.01 9.53
CA PHE A 251 11.88 1.55 8.70
C PHE A 251 11.19 2.56 9.61
N ILE A 252 11.36 3.83 9.30
CA ILE A 252 10.75 4.89 10.09
C ILE A 252 9.50 5.37 9.34
N HIS A 253 8.34 5.16 9.97
CA HIS A 253 7.06 5.55 9.39
C HIS A 253 6.69 6.91 9.96
N THR A 254 6.35 7.84 9.09
CA THR A 254 5.94 9.18 9.49
C THR A 254 4.51 9.40 9.00
N PHE A 255 3.70 10.03 9.84
CA PHE A 255 2.28 10.30 9.53
C PHE A 255 1.87 11.76 9.58
N GLY A 256 1.05 12.15 8.62
CA GLY A 256 0.50 13.48 8.61
C GLY A 256 -0.76 13.23 9.43
N ASP A 257 -1.85 12.91 8.76
CA ASP A 257 -3.12 12.62 9.43
C ASP A 257 -3.26 11.09 9.58
N ALA A 258 -3.25 10.62 10.82
CA ALA A 258 -3.43 9.21 11.11
C ALA A 258 -4.80 9.14 11.77
N HIS A 259 -5.69 8.27 11.28
CA HIS A 259 -7.02 8.18 11.86
C HIS A 259 -7.64 6.79 11.98
N LEU A 260 -8.64 6.69 12.86
CA LEU A 260 -9.39 5.46 13.11
C LEU A 260 -10.85 5.75 12.82
N TYR A 261 -11.37 5.16 11.76
CA TYR A 261 -12.77 5.38 11.42
C TYR A 261 -13.59 4.84 12.56
N VAL A 262 -14.43 5.72 13.08
CA VAL A 262 -15.33 5.47 14.19
C VAL A 262 -15.96 4.08 14.24
N ASN A 263 -16.10 3.41 13.11
CA ASN A 263 -16.70 2.06 13.09
C ASN A 263 -15.69 0.90 13.05
N HIS A 264 -14.55 1.14 13.70
CA HIS A 264 -13.45 0.20 13.83
C HIS A 264 -12.97 0.23 15.26
N LEU A 265 -13.66 1.02 16.08
CA LEU A 265 -13.32 1.17 17.47
C LEU A 265 -13.23 -0.16 18.17
N ASP A 266 -14.36 -0.87 18.25
CA ASP A 266 -14.42 -2.15 18.94
C ASP A 266 -13.37 -3.16 18.47
N GLN A 267 -13.20 -3.28 17.16
CA GLN A 267 -12.23 -4.20 16.59
C GLN A 267 -10.81 -3.88 17.05
N ILE A 268 -10.44 -2.60 17.00
CA ILE A 268 -9.10 -2.19 17.41
C ILE A 268 -8.91 -2.41 18.91
N LYS A 269 -9.95 -2.14 19.69
CA LYS A 269 -9.88 -2.33 21.12
C LYS A 269 -9.66 -3.81 21.41
N GLU A 270 -10.42 -4.66 20.73
CA GLU A 270 -10.34 -6.10 20.91
C GLU A 270 -8.92 -6.57 20.49
N GLN A 271 -8.33 -5.90 19.51
CA GLN A 271 -6.98 -6.25 19.09
C GLN A 271 -5.97 -5.91 20.19
N LEU A 272 -6.10 -4.74 20.79
CA LEU A 272 -5.20 -4.31 21.87
C LEU A 272 -5.10 -5.30 23.04
N SER A 273 -6.06 -6.20 23.17
CA SER A 273 -6.03 -7.17 24.25
C SER A 273 -5.37 -8.47 23.80
N ARG A 274 -4.56 -8.40 22.75
CA ARG A 274 -3.86 -9.59 22.24
C ARG A 274 -2.37 -9.41 22.40
N THR A 275 -1.74 -10.39 23.02
CA THR A 275 -0.29 -10.35 23.23
C THR A 275 0.33 -10.81 21.91
N PRO A 276 1.32 -10.07 21.41
CA PRO A 276 1.99 -10.40 20.15
C PRO A 276 2.96 -11.58 20.31
N ARG A 277 3.19 -12.28 19.21
CA ARG A 277 4.10 -13.42 19.20
C ARG A 277 5.39 -12.96 18.52
N PRO A 278 6.46 -13.79 18.57
CA PRO A 278 7.71 -13.38 17.92
C PRO A 278 7.43 -13.09 16.44
N ALA A 279 8.10 -12.05 15.93
CA ALA A 279 7.94 -11.62 14.55
C ALA A 279 8.49 -12.61 13.55
N PRO A 280 7.90 -12.65 12.36
CA PRO A 280 8.35 -13.57 11.31
C PRO A 280 9.72 -13.19 10.74
N THR A 281 10.15 -13.89 9.70
CA THR A 281 11.41 -13.66 9.04
C THR A 281 11.13 -13.60 7.53
N LEU A 282 12.01 -12.97 6.77
CA LEU A 282 11.84 -12.88 5.33
C LEU A 282 13.04 -13.51 4.65
N GLN A 283 12.75 -14.25 3.58
CA GLN A 283 13.75 -14.94 2.77
C GLN A 283 13.66 -14.42 1.34
N LEU A 284 14.70 -13.70 0.92
CA LEU A 284 14.76 -13.18 -0.43
C LEU A 284 15.75 -14.04 -1.20
N ASN A 285 15.29 -14.55 -2.33
CA ASN A 285 16.08 -15.40 -3.22
C ASN A 285 17.49 -14.84 -3.27
N PRO A 286 18.47 -15.61 -2.76
CA PRO A 286 19.88 -15.22 -2.72
C PRO A 286 20.64 -15.23 -4.04
N ASP A 287 20.07 -15.84 -5.07
CA ASP A 287 20.71 -15.91 -6.38
C ASP A 287 20.32 -14.70 -7.21
N LYS A 288 19.04 -14.30 -7.14
CA LYS A 288 18.57 -13.14 -7.89
C LYS A 288 18.91 -11.90 -7.08
N HIS A 289 19.37 -10.85 -7.77
CA HIS A 289 19.75 -9.59 -7.13
C HIS A 289 19.20 -8.32 -7.78
N ASP A 290 18.52 -8.42 -8.92
CA ASP A 290 17.95 -7.24 -9.55
C ASP A 290 16.43 -7.27 -9.41
N ILE A 291 15.98 -6.87 -8.23
CA ILE A 291 14.57 -6.84 -7.81
C ILE A 291 13.47 -6.49 -8.80
N PHE A 292 13.76 -5.65 -9.78
CA PHE A 292 12.75 -5.30 -10.77
C PHE A 292 12.25 -6.59 -11.43
N ASP A 293 13.19 -7.47 -11.77
CA ASP A 293 12.87 -8.76 -12.40
C ASP A 293 12.43 -9.81 -11.37
N PHE A 294 12.30 -9.41 -10.10
CA PHE A 294 11.86 -10.31 -9.05
C PHE A 294 10.45 -10.74 -9.37
N ASP A 295 10.07 -11.92 -8.90
CA ASP A 295 8.74 -12.48 -9.09
C ASP A 295 8.34 -13.08 -7.74
N MET A 296 7.03 -13.15 -7.51
CA MET A 296 6.42 -13.66 -6.29
C MET A 296 7.26 -14.60 -5.42
N LYS A 297 7.58 -15.77 -5.97
CA LYS A 297 8.35 -16.82 -5.28
C LYS A 297 9.80 -16.48 -4.88
N ASP A 298 10.18 -15.21 -4.96
CA ASP A 298 11.54 -14.80 -4.57
C ASP A 298 11.50 -14.15 -3.19
N ILE A 299 10.31 -14.16 -2.59
CA ILE A 299 10.05 -13.58 -1.28
C ILE A 299 9.36 -14.65 -0.43
N LYS A 300 9.92 -14.92 0.74
CA LYS A 300 9.39 -15.92 1.66
C LYS A 300 9.21 -15.33 3.06
N LEU A 301 8.10 -15.69 3.71
CA LEU A 301 7.85 -15.24 5.06
C LEU A 301 7.87 -16.50 5.91
N LEU A 302 8.61 -16.46 7.02
CA LEU A 302 8.71 -17.60 7.91
C LEU A 302 8.15 -17.24 9.26
N ASN A 303 7.78 -18.25 10.02
CA ASN A 303 7.22 -18.08 11.38
C ASN A 303 6.08 -17.08 11.48
N TYR A 304 5.28 -16.92 10.44
CA TYR A 304 4.17 -16.03 10.58
C TYR A 304 3.06 -16.89 11.13
N ASP A 305 2.90 -16.86 12.44
CA ASP A 305 1.86 -17.61 13.11
C ASP A 305 1.01 -16.57 13.81
N PRO A 306 0.19 -15.85 13.02
CA PRO A 306 -0.67 -14.82 13.56
C PRO A 306 -1.95 -15.36 14.19
N TYR A 307 -2.66 -14.45 14.85
CA TYR A 307 -3.95 -14.71 15.51
C TYR A 307 -4.88 -14.67 14.26
N PRO A 308 -6.20 -14.84 14.43
CA PRO A 308 -7.12 -14.80 13.27
C PRO A 308 -7.32 -13.39 12.67
N ALA A 309 -8.01 -13.26 11.55
CA ALA A 309 -8.24 -11.93 10.99
C ALA A 309 -9.37 -11.30 11.79
N ILE A 310 -9.46 -9.97 11.72
CA ILE A 310 -10.52 -9.23 12.40
C ILE A 310 -11.39 -8.52 11.35
N LYS A 311 -12.62 -8.96 11.21
CA LYS A 311 -13.54 -8.40 10.24
C LYS A 311 -13.95 -7.04 10.74
N ALA A 312 -13.86 -6.05 9.85
CA ALA A 312 -14.23 -4.67 10.13
C ALA A 312 -14.74 -4.07 8.83
N PRO A 313 -15.93 -3.47 8.87
CA PRO A 313 -16.49 -2.86 7.67
C PRO A 313 -15.59 -1.77 7.10
N VAL A 314 -15.55 -1.65 5.79
CA VAL A 314 -14.74 -0.63 5.11
C VAL A 314 -15.43 0.71 5.29
N ALA A 315 -14.64 1.77 5.40
CA ALA A 315 -15.17 3.10 5.60
C ALA A 315 -15.50 3.78 4.28
N VAL A 316 -16.74 4.25 4.16
CA VAL A 316 -17.24 4.94 2.97
C VAL A 316 -18.39 5.87 3.37
P PO4 B . -8.37 10.21 1.19
O1 PO4 B . -8.15 10.64 2.40
O2 PO4 B . -9.02 8.96 1.35
O3 PO4 B . -7.06 10.16 0.65
O4 PO4 B . -9.23 11.25 0.81
C1 MR2 C . -10.37 5.24 0.03
C2 MR2 C . -10.26 4.17 0.87
C3 MR2 C . -10.19 4.41 2.29
C4 MR2 C . -9.93 3.34 3.15
C5 MR2 C . -9.77 2.03 2.63
C6 MR2 C . -9.88 1.82 1.19
C7 MR2 C . -9.60 0.50 0.65
C8 MR2 C . -9.55 0.34 -0.80
C9 MR2 C . -9.78 1.39 -1.64
C10 MR2 C . -10.11 2.74 -1.04
C11 MR2 C . -10.11 2.90 0.36
C12 MR2 C . -10.20 3.87 -1.89
C13 MR2 C . -9.02 4.02 -2.67
C14 MR2 C . -7.75 3.59 -2.14
C15 MR2 C . -6.61 3.62 -2.93
C16 MR2 C . -6.69 4.20 -4.21
C17 MR2 C . -7.92 4.60 -4.75
C18 MR2 C . -9.07 4.55 -3.98
C19 MR2 C . -11.39 3.87 -2.76
C20 MR2 C . -12.22 5.02 -2.81
C21 MR2 C . -13.34 5.09 -3.63
C22 MR2 C . -13.64 4.02 -4.49
C23 MR2 C . -12.78 2.91 -4.55
C24 MR2 C . -11.70 2.80 -3.69
N1 MR2 C . -9.35 -0.77 1.60
O1 MR2 C . -10.33 5.13 -1.17
O2 MR2 C . -10.54 6.33 0.56
O3 MR2 C . -5.48 4.55 -4.85
O4 MR2 C . -14.86 4.03 -5.22
O5 MR2 C . -8.72 -1.72 1.12
O6 MR2 C . -9.80 -0.68 2.67
#